data_3MX9
#
_entry.id   3MX9
#
_cell.length_a   72.170
_cell.length_b   170.190
_cell.length_c   46.980
_cell.angle_alpha   90.00
_cell.angle_beta   90.00
_cell.angle_gamma   90.00
#
_symmetry.space_group_name_H-M   'P 21 21 2'
#
loop_
_entity.id
_entity.type
_entity.pdbx_description
1 polymer 'Protein scV3V2(G19S)'
2 polymer "DNA (5'-D(*TP*TP*GP*TP*TP*CP*TP*CP*AP*GP*GP*TP*AP*CP*CP*TP*CP*AP*GP*CP*CP*AP*GP*A)-3')"
3 polymer "DNA (5'-D(*TP*CP*TP*GP*GP*CP*TP*GP*AP*GP*GP*TP*AP*CP*CP*TP*GP*AP*GP*AP*AP*CP*AP*A)-3')"
4 non-polymer 'CALCIUM ION'
5 water water
#
loop_
_entity_poly.entity_id
_entity_poly.type
_entity_poly.pdbx_seq_one_letter_code
_entity_poly.pdbx_strand_id
1 'polypeptide(L)'
;MANTKYNKEFLLYLAGFVDGDGSIIAQINPNQSSKFKHRLRLTFYVTQKTQRRWFLDKLVDEIGVGYVRDSGSVSQYVLS
EIKPLHNFLTQLQPFLKLKQKQANLVLKIIEQLPSAKESPDKFLEVCTWVDQIAALNDSKTRKTTSETVRAVLDSLSGKK
KSSPAAGGSDKYNQALSKYNQALSKYNQALSGGGGSNKEFLLYLAGFVDSDGSIIAQIKPRQSNKFKHQLSLTFAVTQKT
QRRWFLDKLVDEIGVGYVYDSGSVSDYRLSEIKPLHNFLTQLQPFLKLKQKQANLVLKIIEQLPSAKESPDKFLEVCTWV
DQIAALNDSKTRKTTSETVRAVLDSLSEKKKSSPLEHHHHHH
;
A
2 'polydeoxyribonucleotide'
;(DT)(DT)(DG)(DT)(DT)(DC)(DT)(DC)(DA)(DG)(DG)(DT)(DA)(DC)(DC)(DT)(DC)(DA)(DG)(DC)
(DC)(DA)(DG)(DA)
;
C
3 'polydeoxyribonucleotide'
;(DT)(DC)(DT)(DG)(DG)(DC)(DT)(DG)(DA)(DG)(DG)(DT)(DA)(DC)(DC)(DT)(DG)(DA)(DG)(DA)
(DA)(DC)(DA)(DA)
;
D
#
# COMPACT_ATOMS: atom_id res chain seq x y z
N ASN A 3 -24.46 -14.25 -0.31
CA ASN A 3 -23.03 -14.17 -0.55
C ASN A 3 -22.69 -13.53 -1.89
N THR A 4 -22.05 -12.37 -1.86
CA THR A 4 -21.58 -11.74 -3.08
C THR A 4 -20.33 -12.45 -3.60
N LYS A 5 -20.26 -12.68 -4.89
CA LYS A 5 -19.02 -13.11 -5.52
C LYS A 5 -18.34 -11.88 -6.10
N TYR A 6 -17.06 -11.71 -5.78
CA TYR A 6 -16.32 -10.55 -6.23
C TYR A 6 -15.50 -10.87 -7.46
N ASN A 7 -15.46 -9.92 -8.40
CA ASN A 7 -14.68 -10.04 -9.62
C ASN A 7 -13.22 -10.28 -9.29
N LYS A 8 -12.59 -11.15 -10.07
CA LYS A 8 -11.20 -11.52 -9.86
C LYS A 8 -10.28 -10.32 -9.99
N GLU A 9 -10.48 -9.49 -11.02
CA GLU A 9 -9.63 -8.29 -11.20
C GLU A 9 -9.73 -7.31 -10.03
N PHE A 10 -10.92 -7.19 -9.47
CA PHE A 10 -11.14 -6.39 -8.28
C PHE A 10 -10.31 -6.99 -7.13
N LEU A 11 -10.35 -8.31 -7.00
CA LEU A 11 -9.66 -8.98 -5.90
C LEU A 11 -8.13 -8.94 -6.02
N LEU A 12 -7.62 -8.88 -7.23
CA LEU A 12 -6.18 -8.87 -7.49
C LEU A 12 -5.59 -7.54 -7.06
N TYR A 13 -6.17 -6.46 -7.58
CA TYR A 13 -5.71 -5.13 -7.21
C TYR A 13 -5.84 -4.88 -5.71
N LEU A 14 -7.03 -5.17 -5.18
CA LEU A 14 -7.34 -4.96 -3.77
C LEU A 14 -6.42 -5.75 -2.85
N ALA A 15 -6.04 -6.95 -3.25
CA ALA A 15 -5.16 -7.75 -2.42
C ALA A 15 -3.81 -7.04 -2.28
N GLY A 16 -3.40 -6.35 -3.34
CA GLY A 16 -2.17 -5.60 -3.32
C GLY A 16 -2.26 -4.38 -2.44
N PHE A 17 -3.31 -3.62 -2.61
CA PHE A 17 -3.48 -2.43 -1.80
C PHE A 17 -3.60 -2.81 -0.32
N VAL A 18 -4.29 -3.91 -0.05
CA VAL A 18 -4.43 -4.42 1.32
C VAL A 18 -3.08 -4.85 1.90
N ASP A 19 -2.30 -5.61 1.13
CA ASP A 19 -0.90 -5.88 1.49
C ASP A 19 -0.16 -4.56 1.78
N GLY A 20 -0.42 -3.52 1.00
CA GLY A 20 0.18 -2.22 1.24
C GLY A 20 -0.37 -1.43 2.43
N ASP A 21 -1.58 -0.86 2.29
CA ASP A 21 -2.14 0.02 3.32
C ASP A 21 -3.14 -0.64 4.29
N GLY A 22 -3.44 -1.90 4.07
CA GLY A 22 -4.49 -2.57 4.83
C GLY A 22 -4.02 -3.19 6.12
N SER A 23 -4.98 -3.71 6.87
CA SER A 23 -4.70 -4.28 8.17
C SER A 23 -5.69 -5.40 8.43
N ILE A 24 -5.18 -6.57 8.83
CA ILE A 24 -6.02 -7.69 9.26
C ILE A 24 -5.72 -7.99 10.71
N ILE A 25 -6.73 -7.81 11.57
CA ILE A 25 -6.55 -7.69 13.01
C ILE A 25 -7.50 -8.61 13.77
N ALA A 26 -6.99 -9.21 14.85
CA ALA A 26 -7.80 -9.98 15.77
C ALA A 26 -7.54 -9.49 17.19
N GLN A 27 -8.60 -9.30 17.98
CA GLN A 27 -8.43 -8.80 19.33
C GLN A 27 -9.24 -9.55 20.38
N ILE A 28 -8.67 -9.67 21.57
CA ILE A 28 -9.41 -10.11 22.74
C ILE A 28 -9.81 -8.90 23.60
N ASN A 29 -11.11 -8.59 23.63
CA ASN A 29 -11.62 -7.50 24.44
C ASN A 29 -11.98 -7.94 25.86
N PRO A 30 -11.27 -7.40 26.86
CA PRO A 30 -11.75 -7.52 28.24
C PRO A 30 -13.23 -7.18 28.29
N ASN A 31 -14.03 -8.05 28.90
CA ASN A 31 -15.47 -7.81 28.93
C ASN A 31 -16.20 -8.59 30.02
N GLN A 32 -16.77 -7.87 30.98
CA GLN A 32 -17.44 -8.50 32.12
C GLN A 32 -18.72 -9.26 31.73
N SER A 33 -19.53 -8.68 30.85
CA SER A 33 -20.74 -9.32 30.36
C SER A 33 -20.44 -10.67 29.71
N SER A 34 -19.38 -10.68 28.90
CA SER A 34 -19.00 -11.88 28.16
C SER A 34 -18.92 -13.10 29.06
N LYS A 35 -19.43 -14.21 28.54
CA LYS A 35 -19.38 -15.50 29.23
C LYS A 35 -18.00 -15.78 29.85
N PHE A 36 -16.93 -15.52 29.12
CA PHE A 36 -15.59 -15.78 29.65
C PHE A 36 -14.84 -14.49 29.92
N LYS A 37 -15.58 -13.44 30.27
CA LYS A 37 -14.99 -12.16 30.65
C LYS A 37 -14.13 -11.57 29.53
N HIS A 38 -14.29 -12.12 28.33
CA HIS A 38 -13.54 -11.65 27.17
C HIS A 38 -14.37 -11.78 25.90
N ARG A 39 -14.16 -10.85 24.96
CA ARG A 39 -14.91 -10.80 23.71
C ARG A 39 -13.94 -10.71 22.54
N LEU A 40 -14.10 -11.58 21.54
CA LEU A 40 -13.22 -11.57 20.38
C LEU A 40 -13.72 -10.66 19.26
N ARG A 41 -12.88 -9.73 18.81
CA ARG A 41 -13.21 -8.91 17.63
C ARG A 41 -12.27 -9.14 16.47
N LEU A 42 -12.85 -9.30 15.29
CA LEU A 42 -12.08 -9.44 14.05
C LEU A 42 -12.40 -8.29 13.09
N THR A 43 -11.35 -7.62 12.61
CA THR A 43 -11.55 -6.46 11.77
C THR A 43 -10.57 -6.39 10.59
N PHE A 44 -11.09 -5.97 9.44
CA PHE A 44 -10.29 -5.68 8.27
C PHE A 44 -10.33 -4.15 8.12
N TYR A 45 -9.16 -3.53 7.92
CA TYR A 45 -9.04 -2.08 7.83
C TYR A 45 -8.30 -1.67 6.57
N VAL A 46 -8.70 -0.54 5.99
CA VAL A 46 -7.88 0.11 4.99
C VAL A 46 -7.81 1.58 5.33
N THR A 47 -6.61 2.03 5.62
CA THR A 47 -6.36 3.40 6.05
C THR A 47 -5.89 4.22 4.85
N GLN A 48 -6.30 5.48 4.81
CA GLN A 48 -5.81 6.42 3.81
C GLN A 48 -6.08 7.86 4.22
N LYS A 49 -5.21 8.76 3.80
CA LYS A 49 -5.35 10.16 4.09
C LYS A 49 -6.75 10.61 3.68
N THR A 50 -7.40 11.45 4.49
CA THR A 50 -8.79 11.83 4.31
C THR A 50 -9.00 12.48 2.94
N GLN A 51 -7.97 13.11 2.44
CA GLN A 51 -7.99 13.75 1.13
C GLN A 51 -8.32 12.75 0.03
N ARG A 52 -8.18 11.45 0.34
CA ARG A 52 -8.44 10.39 -0.63
C ARG A 52 -9.48 9.41 -0.12
N ARG A 53 -10.38 9.88 0.76
CA ARG A 53 -11.43 9.04 1.32
C ARG A 53 -12.40 8.50 0.23
N TRP A 54 -12.48 9.17 -0.91
CA TRP A 54 -13.29 8.70 -2.04
C TRP A 54 -12.97 7.24 -2.37
N PHE A 55 -11.68 6.92 -2.29
CA PHE A 55 -11.17 5.57 -2.50
C PHE A 55 -11.79 4.58 -1.52
N LEU A 56 -11.83 4.99 -0.24
CA LEU A 56 -12.43 4.16 0.82
C LEU A 56 -13.95 4.12 0.69
N ASP A 57 -14.52 5.17 0.11
CA ASP A 57 -15.93 5.24 -0.18
C ASP A 57 -16.27 4.29 -1.32
N LYS A 58 -15.38 4.21 -2.30
CA LYS A 58 -15.53 3.22 -3.36
C LYS A 58 -15.63 1.81 -2.76
N LEU A 59 -14.66 1.44 -1.93
CA LEU A 59 -14.66 0.11 -1.31
C LEU A 59 -16.02 -0.27 -0.72
N VAL A 60 -16.54 0.59 0.15
CA VAL A 60 -17.84 0.35 0.77
C VAL A 60 -18.88 -0.07 -0.25
N ASP A 61 -18.78 0.49 -1.45
CA ASP A 61 -19.73 0.25 -2.52
C ASP A 61 -19.45 -1.07 -3.26
N GLU A 62 -18.17 -1.31 -3.56
CA GLU A 62 -17.72 -2.51 -4.24
C GLU A 62 -17.83 -3.77 -3.36
N ILE A 63 -17.40 -3.66 -2.11
CA ILE A 63 -17.48 -4.77 -1.18
C ILE A 63 -18.94 -4.88 -0.74
N GLY A 64 -19.60 -3.73 -0.63
CA GLY A 64 -21.04 -3.70 -0.41
C GLY A 64 -21.42 -3.73 1.06
N VAL A 65 -20.44 -3.67 1.93
CA VAL A 65 -20.69 -3.77 3.35
C VAL A 65 -19.53 -3.11 4.11
N GLY A 66 -19.70 -2.79 5.38
CA GLY A 66 -18.67 -2.09 6.14
C GLY A 66 -18.95 -0.60 6.23
N TYR A 67 -17.99 0.17 6.74
CA TYR A 67 -18.15 1.62 6.80
C TYR A 67 -16.82 2.40 6.71
N VAL A 68 -16.92 3.72 6.58
CA VAL A 68 -15.76 4.59 6.55
C VAL A 68 -15.80 5.60 7.70
N ARG A 69 -14.70 5.70 8.44
CA ARG A 69 -14.60 6.68 9.51
C ARG A 69 -13.45 7.67 9.31
N ASP A 70 -13.55 8.83 9.97
CA ASP A 70 -12.53 9.87 9.94
C ASP A 70 -11.76 9.96 11.25
N SER A 71 -10.53 10.44 11.17
CA SER A 71 -9.77 10.76 12.37
C SER A 71 -8.95 12.01 12.14
N GLY A 72 -9.65 13.08 11.78
CA GLY A 72 -9.00 14.33 11.43
C GLY A 72 -8.41 14.26 10.05
N SER A 73 -7.11 13.97 9.98
CA SER A 73 -6.38 14.00 8.73
C SER A 73 -6.44 12.68 7.97
N VAL A 74 -6.61 11.58 8.72
CA VAL A 74 -6.62 10.22 8.16
C VAL A 74 -7.97 9.47 8.31
N SER A 75 -8.38 8.74 7.27
CA SER A 75 -9.61 7.95 7.30
C SER A 75 -9.37 6.44 7.17
N GLN A 76 -10.44 5.66 7.37
CA GLN A 76 -10.37 4.19 7.34
C GLN A 76 -11.64 3.53 6.86
N TYR A 77 -11.49 2.51 6.02
CA TYR A 77 -12.56 1.58 5.74
C TYR A 77 -12.45 0.45 6.76
N VAL A 78 -13.59 0.03 7.28
CA VAL A 78 -13.60 -0.97 8.34
C VAL A 78 -14.68 -2.02 8.08
N LEU A 79 -14.31 -3.28 8.23
CA LEU A 79 -15.27 -4.35 8.11
C LEU A 79 -15.08 -5.28 9.30
N SER A 80 -16.08 -5.32 10.18
CA SER A 80 -16.04 -6.22 11.34
C SER A 80 -17.23 -7.19 11.41
N GLU A 81 -18.25 -6.94 10.59
CA GLU A 81 -19.41 -7.83 10.52
C GLU A 81 -18.98 -9.23 10.06
N ILE A 82 -19.33 -10.24 10.84
CA ILE A 82 -18.70 -11.56 10.73
C ILE A 82 -18.95 -12.36 9.45
N LYS A 83 -20.22 -12.53 9.08
CA LYS A 83 -20.55 -13.28 7.88
C LYS A 83 -19.85 -12.72 6.65
N PRO A 84 -20.11 -11.45 6.37
CA PRO A 84 -19.50 -10.76 5.22
C PRO A 84 -17.98 -10.77 5.27
N LEU A 85 -17.41 -10.61 6.46
CA LEU A 85 -15.96 -10.61 6.61
C LEU A 85 -15.38 -11.94 6.15
N HIS A 86 -16.03 -13.04 6.53
CA HIS A 86 -15.57 -14.37 6.18
C HIS A 86 -15.72 -14.61 4.69
N ASN A 87 -16.84 -14.13 4.14
CA ASN A 87 -17.11 -14.25 2.72
C ASN A 87 -16.07 -13.51 1.89
N PHE A 88 -15.71 -12.32 2.34
CA PHE A 88 -14.78 -11.44 1.65
C PHE A 88 -13.36 -12.00 1.73
N LEU A 89 -12.94 -12.33 2.95
CA LEU A 89 -11.59 -12.81 3.17
C LEU A 89 -11.38 -14.17 2.53
N THR A 90 -12.43 -14.98 2.52
CA THR A 90 -12.35 -16.26 1.82
C THR A 90 -11.93 -16.03 0.37
N GLN A 91 -12.51 -15.01 -0.25
CA GLN A 91 -12.25 -14.71 -1.65
C GLN A 91 -10.96 -13.93 -1.93
N LEU A 92 -10.46 -13.22 -0.92
CA LEU A 92 -9.30 -12.34 -1.11
C LEU A 92 -7.97 -13.03 -0.83
N GLN A 93 -7.97 -13.93 0.15
CA GLN A 93 -6.73 -14.53 0.65
C GLN A 93 -5.86 -15.27 -0.38
N PRO A 94 -6.47 -15.86 -1.43
CA PRO A 94 -5.61 -16.56 -2.40
C PRO A 94 -4.68 -15.61 -3.13
N PHE A 95 -4.97 -14.31 -3.07
CA PHE A 95 -4.18 -13.31 -3.80
C PHE A 95 -3.27 -12.50 -2.90
N LEU A 96 -3.46 -12.63 -1.60
CA LEU A 96 -2.61 -11.98 -0.62
C LEU A 96 -1.24 -12.64 -0.65
N LYS A 97 -0.21 -11.84 -0.38
CA LYS A 97 1.17 -12.31 -0.35
C LYS A 97 1.84 -12.04 0.99
N LEU A 98 1.58 -10.86 1.56
CA LEU A 98 2.11 -10.51 2.86
C LEU A 98 1.17 -10.90 4.00
N LYS A 99 -0.12 -10.61 3.85
CA LYS A 99 -1.07 -10.85 4.93
C LYS A 99 -1.94 -12.11 4.78
N GLN A 100 -1.50 -13.06 3.97
CA GLN A 100 -2.27 -14.28 3.74
C GLN A 100 -2.43 -15.19 4.98
N LYS A 101 -1.37 -15.39 5.74
CA LYS A 101 -1.49 -16.17 6.97
C LYS A 101 -2.52 -15.55 7.93
N GLN A 102 -2.48 -14.22 8.11
CA GLN A 102 -3.46 -13.52 8.95
C GLN A 102 -4.88 -13.82 8.47
N ALA A 103 -5.14 -13.49 7.21
CA ALA A 103 -6.43 -13.79 6.59
C ALA A 103 -6.94 -15.14 7.04
N ASN A 104 -6.17 -16.18 6.72
CA ASN A 104 -6.55 -17.56 7.00
C ASN A 104 -6.81 -17.85 8.47
N LEU A 105 -6.04 -17.22 9.35
CA LEU A 105 -6.21 -17.39 10.79
C LEU A 105 -7.52 -16.77 11.25
N VAL A 106 -7.86 -15.62 10.67
CA VAL A 106 -9.11 -14.96 10.95
C VAL A 106 -10.29 -15.75 10.42
N LEU A 107 -10.07 -16.52 9.37
CA LEU A 107 -11.14 -17.38 8.84
C LEU A 107 -11.33 -18.59 9.75
N LYS A 108 -10.22 -19.11 10.27
CA LYS A 108 -10.28 -20.24 11.19
C LYS A 108 -11.03 -19.85 12.45
N ILE A 109 -10.58 -18.77 13.08
CA ILE A 109 -11.25 -18.21 14.24
C ILE A 109 -12.75 -18.05 14.01
N ILE A 110 -13.12 -17.51 12.85
CA ILE A 110 -14.53 -17.20 12.59
C ILE A 110 -15.38 -18.46 12.57
N GLU A 111 -14.81 -19.54 12.03
CA GLU A 111 -15.51 -20.80 11.90
C GLU A 111 -15.60 -21.56 13.23
N GLN A 112 -14.55 -21.43 14.04
CA GLN A 112 -14.49 -22.08 15.34
C GLN A 112 -15.21 -21.28 16.42
N LEU A 113 -15.87 -20.20 16.05
CA LEU A 113 -16.48 -19.34 17.04
C LEU A 113 -17.52 -20.08 17.88
N PRO A 114 -18.58 -20.58 17.22
CA PRO A 114 -19.64 -21.30 17.94
C PRO A 114 -19.10 -22.25 19.01
N SER A 115 -18.01 -22.96 18.73
CA SER A 115 -17.39 -23.85 19.71
C SER A 115 -16.75 -23.06 20.85
N ALA A 116 -16.00 -22.02 20.48
CA ALA A 116 -15.27 -21.20 21.45
C ALA A 116 -16.17 -20.64 22.56
N LYS A 117 -17.40 -20.28 22.18
CA LYS A 117 -18.33 -19.65 23.12
C LYS A 117 -19.04 -20.68 24.00
N GLU A 118 -18.84 -21.95 23.71
CA GLU A 118 -19.48 -23.01 24.47
C GLU A 118 -18.45 -23.86 25.22
N SER A 119 -17.35 -23.24 25.64
CA SER A 119 -16.33 -23.97 26.37
C SER A 119 -15.15 -23.07 26.74
N PRO A 120 -14.71 -23.14 28.00
CA PRO A 120 -13.52 -22.40 28.44
C PRO A 120 -12.27 -22.86 27.71
N ASP A 121 -12.19 -24.15 27.37
CA ASP A 121 -10.98 -24.68 26.76
C ASP A 121 -10.87 -24.38 25.26
N LYS A 122 -12.00 -24.48 24.56
CA LYS A 122 -12.03 -24.15 23.14
C LYS A 122 -11.71 -22.67 22.96
N PHE A 123 -12.27 -21.84 23.84
CA PHE A 123 -12.00 -20.42 23.83
C PHE A 123 -10.51 -20.11 23.89
N LEU A 124 -9.82 -20.73 24.85
CA LEU A 124 -8.40 -20.50 25.05
C LEU A 124 -7.62 -20.76 23.78
N GLU A 125 -7.82 -21.94 23.19
CA GLU A 125 -7.11 -22.30 21.97
C GLU A 125 -7.27 -21.20 20.91
N VAL A 126 -8.51 -20.76 20.71
CA VAL A 126 -8.83 -19.73 19.73
C VAL A 126 -8.04 -18.45 20.01
N CYS A 127 -7.96 -18.07 21.28
CA CYS A 127 -7.15 -16.92 21.67
C CYS A 127 -5.66 -17.04 21.31
N THR A 128 -5.16 -18.28 21.17
CA THR A 128 -3.77 -18.48 20.80
C THR A 128 -3.58 -18.26 19.30
N TRP A 129 -4.69 -18.21 18.56
CA TRP A 129 -4.62 -17.86 17.15
C TRP A 129 -4.53 -16.36 16.99
N VAL A 130 -5.23 -15.63 17.86
CA VAL A 130 -5.16 -14.17 17.94
C VAL A 130 -3.74 -13.73 18.24
N ASP A 131 -3.11 -14.43 19.17
CA ASP A 131 -1.69 -14.24 19.45
C ASP A 131 -0.93 -14.32 18.14
N GLN A 132 -1.05 -15.45 17.47
CA GLN A 132 -0.30 -15.72 16.24
C GLN A 132 -0.45 -14.59 15.22
N ILE A 133 -1.70 -14.22 14.94
CA ILE A 133 -1.98 -13.11 14.04
C ILE A 133 -1.24 -11.84 14.43
N ALA A 134 -1.29 -11.51 15.72
CA ALA A 134 -0.57 -10.32 16.20
C ALA A 134 0.93 -10.45 15.98
N ALA A 135 1.45 -11.67 16.11
CA ALA A 135 2.87 -11.91 15.90
C ALA A 135 3.23 -11.63 14.45
N LEU A 136 2.35 -12.03 13.54
CA LEU A 136 2.50 -11.77 12.11
C LEU A 136 2.45 -10.26 11.77
N ASN A 137 1.60 -9.50 12.47
CA ASN A 137 1.53 -8.07 12.22
C ASN A 137 2.69 -7.31 12.87
N ASP A 138 2.93 -6.09 12.40
CA ASP A 138 3.82 -5.17 13.11
C ASP A 138 3.20 -4.67 14.42
N SER A 139 2.90 -5.61 15.32
CA SER A 139 2.23 -5.30 16.58
C SER A 139 3.16 -4.54 17.51
N LYS A 140 2.62 -3.54 18.22
CA LYS A 140 3.45 -2.74 19.11
C LYS A 140 2.76 -2.19 20.37
N THR A 141 1.43 -2.21 20.39
CA THR A 141 0.70 -1.63 21.53
C THR A 141 -0.35 -2.56 22.15
N ARG A 142 -0.21 -3.86 21.89
CA ARG A 142 -1.14 -4.89 22.34
C ARG A 142 -1.07 -5.16 23.84
N LYS A 143 -2.22 -5.10 24.51
CA LYS A 143 -2.29 -5.32 25.95
C LYS A 143 -2.86 -6.69 26.31
N THR A 144 -4.08 -6.98 25.86
CA THR A 144 -4.74 -8.23 26.21
C THR A 144 -4.34 -9.39 25.31
N THR A 145 -3.64 -10.38 25.88
CA THR A 145 -3.22 -11.55 25.12
C THR A 145 -3.93 -12.79 25.66
N SER A 146 -3.72 -13.93 25.00
CA SER A 146 -4.32 -15.18 25.45
C SER A 146 -3.86 -15.54 26.86
N GLU A 147 -2.59 -15.26 27.15
CA GLU A 147 -2.04 -15.47 28.49
C GLU A 147 -2.88 -14.68 29.50
N THR A 148 -3.29 -13.49 29.11
CA THR A 148 -4.20 -12.69 29.94
C THR A 148 -5.50 -13.46 30.15
N VAL A 149 -6.03 -14.04 29.07
CA VAL A 149 -7.28 -14.80 29.11
C VAL A 149 -7.22 -15.91 30.17
N ARG A 150 -6.02 -16.40 30.47
CA ARG A 150 -5.83 -17.33 31.58
C ARG A 150 -6.12 -16.64 32.92
N ALA A 151 -7.42 -16.49 33.20
CA ALA A 151 -7.91 -15.78 34.37
C ALA A 151 -9.13 -16.52 34.89
N SER A 196 -2.03 -13.81 -16.28
CA SER A 196 -0.99 -14.10 -15.29
C SER A 196 0.07 -12.99 -15.20
N ASN A 197 0.33 -12.35 -16.33
CA ASN A 197 1.14 -11.14 -16.37
C ASN A 197 0.25 -9.94 -16.10
N LYS A 198 -1.03 -10.08 -16.41
CA LYS A 198 -2.05 -9.11 -16.05
C LYS A 198 -2.42 -9.30 -14.57
N GLU A 199 -2.25 -10.53 -14.08
CA GLU A 199 -2.54 -10.85 -12.70
C GLU A 199 -1.47 -10.26 -11.79
N PHE A 200 -0.24 -10.24 -12.27
CA PHE A 200 0.87 -9.68 -11.52
C PHE A 200 0.85 -8.14 -11.54
N LEU A 201 0.54 -7.58 -12.71
CA LEU A 201 0.43 -6.13 -12.86
C LEU A 201 -0.77 -5.52 -12.12
N LEU A 202 -1.85 -6.28 -11.95
CA LEU A 202 -3.01 -5.82 -11.18
C LEU A 202 -2.65 -5.78 -9.71
N TYR A 203 -2.01 -6.86 -9.26
CA TYR A 203 -1.62 -6.95 -7.87
C TYR A 203 -0.53 -5.93 -7.59
N LEU A 204 0.38 -5.77 -8.54
CA LEU A 204 1.51 -4.86 -8.35
C LEU A 204 1.08 -3.40 -8.38
N ALA A 205 0.09 -3.07 -9.20
CA ALA A 205 -0.53 -1.75 -9.15
C ALA A 205 -1.05 -1.46 -7.74
N GLY A 206 -1.58 -2.49 -7.08
CA GLY A 206 -2.20 -2.29 -5.78
C GLY A 206 -1.18 -1.96 -4.73
N PHE A 207 -0.15 -2.79 -4.67
CA PHE A 207 0.96 -2.59 -3.74
C PHE A 207 1.67 -1.25 -4.00
N VAL A 208 1.83 -0.89 -5.27
CA VAL A 208 2.41 0.40 -5.64
C VAL A 208 1.52 1.61 -5.26
N ASP A 209 0.21 1.54 -5.53
CA ASP A 209 -0.72 2.62 -5.12
C ASP A 209 -0.71 2.83 -3.59
N SER A 210 -0.44 1.76 -2.83
CA SER A 210 -0.36 1.83 -1.38
C SER A 210 1.05 2.15 -0.84
N ASP A 211 2.01 1.23 -0.92
CA ASP A 211 3.33 1.44 -0.31
C ASP A 211 4.39 2.02 -1.28
N GLY A 212 3.97 2.45 -2.46
CA GLY A 212 4.92 2.88 -3.47
C GLY A 212 4.92 4.38 -3.70
N SER A 213 5.76 4.80 -4.64
CA SER A 213 6.02 6.21 -4.87
C SER A 213 6.59 6.42 -6.28
N ILE A 214 5.97 7.34 -7.02
CA ILE A 214 6.51 7.76 -8.30
C ILE A 214 7.01 9.21 -8.17
N ILE A 215 8.32 9.38 -8.25
CA ILE A 215 8.96 10.63 -7.88
C ILE A 215 9.69 11.22 -9.07
N ALA A 216 9.61 12.54 -9.18
CA ALA A 216 10.39 13.28 -10.16
C ALA A 216 11.10 14.44 -9.48
N GLN A 217 12.41 14.56 -9.71
CA GLN A 217 13.22 15.56 -9.03
C GLN A 217 14.03 16.41 -10.00
N ILE A 218 14.27 17.66 -9.60
CA ILE A 218 15.19 18.56 -10.28
C ILE A 218 16.41 18.75 -9.39
N LYS A 219 17.56 18.22 -9.80
CA LYS A 219 18.72 18.27 -8.92
C LYS A 219 19.77 19.29 -9.35
N PRO A 220 19.96 20.33 -8.52
CA PRO A 220 20.95 21.42 -8.70
C PRO A 220 22.33 20.86 -9.01
N ARG A 221 22.94 21.27 -10.12
CA ARG A 221 24.26 20.75 -10.47
C ARG A 221 24.98 21.67 -11.44
N GLN A 222 26.21 22.04 -11.07
CA GLN A 222 26.97 23.09 -11.74
C GLN A 222 27.29 22.75 -13.18
N SER A 223 27.83 21.56 -13.38
CA SER A 223 28.28 21.11 -14.69
C SER A 223 27.15 20.90 -15.70
N ASN A 224 25.91 20.85 -15.22
CA ASN A 224 24.77 20.74 -16.11
C ASN A 224 24.57 21.97 -16.99
N LYS A 225 24.26 21.72 -18.26
CA LYS A 225 24.01 22.80 -19.22
C LYS A 225 23.13 23.87 -18.61
N PHE A 226 22.00 23.46 -18.05
CA PHE A 226 21.09 24.41 -17.42
C PHE A 226 21.20 24.34 -15.89
N LYS A 227 22.35 23.89 -15.41
CA LYS A 227 22.67 23.91 -13.98
C LYS A 227 21.81 22.99 -13.12
N HIS A 228 20.91 22.25 -13.75
CA HIS A 228 20.04 21.32 -13.02
C HIS A 228 19.91 19.99 -13.75
N GLN A 229 19.78 18.91 -12.99
CA GLN A 229 19.69 17.57 -13.56
C GLN A 229 18.36 16.89 -13.22
N LEU A 230 17.64 16.45 -14.25
CA LEU A 230 16.34 15.83 -14.04
C LEU A 230 16.50 14.40 -13.51
N SER A 231 15.58 14.00 -12.63
CA SER A 231 15.67 12.70 -12.01
C SER A 231 14.30 12.09 -11.82
N LEU A 232 14.11 10.91 -12.41
CA LEU A 232 12.86 10.19 -12.28
C LEU A 232 13.10 8.90 -11.50
N THR A 233 12.13 8.51 -10.67
CA THR A 233 12.35 7.36 -9.80
C THR A 233 11.05 6.65 -9.52
N PHE A 234 11.08 5.32 -9.67
CA PHE A 234 10.03 4.45 -9.18
C PHE A 234 10.54 3.74 -7.93
N ALA A 235 9.81 3.88 -6.83
CA ALA A 235 10.22 3.27 -5.56
C ALA A 235 9.10 2.52 -4.87
N VAL A 236 9.46 1.46 -4.17
CA VAL A 236 8.56 0.75 -3.29
C VAL A 236 9.31 0.57 -1.98
N THR A 237 8.66 0.85 -0.86
CA THR A 237 9.31 0.86 0.45
C THR A 237 8.78 -0.26 1.34
N GLN A 238 9.64 -0.82 2.18
CA GLN A 238 9.21 -1.90 3.05
C GLN A 238 10.18 -2.16 4.21
N LYS A 239 9.63 -2.34 5.40
CA LYS A 239 10.43 -2.76 6.55
C LYS A 239 11.45 -3.81 6.08
N THR A 240 12.69 -3.72 6.57
CA THR A 240 13.75 -4.57 6.04
C THR A 240 13.52 -6.06 6.27
N GLN A 241 12.67 -6.40 7.25
CA GLN A 241 12.39 -7.80 7.53
C GLN A 241 11.51 -8.43 6.44
N ARG A 242 10.96 -7.60 5.56
CA ARG A 242 10.23 -8.10 4.38
C ARG A 242 10.96 -7.75 3.07
N ARG A 243 12.27 -7.58 3.18
CA ARG A 243 13.14 -7.35 2.03
C ARG A 243 12.98 -8.46 1.00
N TRP A 244 12.72 -9.69 1.46
CA TRP A 244 12.58 -10.85 0.57
C TRP A 244 11.51 -10.59 -0.48
N PHE A 245 10.64 -9.64 -0.18
CA PHE A 245 9.54 -9.30 -1.05
C PHE A 245 9.98 -8.32 -2.13
N LEU A 246 10.79 -7.34 -1.74
CA LEU A 246 11.35 -6.39 -2.69
C LEU A 246 12.39 -7.06 -3.58
N ASP A 247 13.00 -8.12 -3.06
CA ASP A 247 13.90 -8.96 -3.84
C ASP A 247 13.14 -9.65 -4.95
N LYS A 248 11.99 -10.21 -4.59
CA LYS A 248 11.11 -10.87 -5.54
C LYS A 248 10.78 -9.94 -6.69
N LEU A 249 10.57 -8.66 -6.39
CA LEU A 249 10.26 -7.68 -7.43
C LEU A 249 11.34 -7.58 -8.48
N VAL A 250 12.58 -7.38 -8.04
CA VAL A 250 13.74 -7.37 -8.93
C VAL A 250 13.72 -8.56 -9.92
N ASP A 251 13.37 -9.75 -9.42
CA ASP A 251 13.21 -10.94 -10.25
C ASP A 251 12.04 -10.83 -11.23
N GLU A 252 10.91 -10.36 -10.76
CA GLU A 252 9.70 -10.37 -11.57
C GLU A 252 9.65 -9.21 -12.54
N ILE A 253 10.20 -8.07 -12.14
CA ILE A 253 10.20 -6.89 -12.99
C ILE A 253 11.34 -6.96 -14.00
N GLY A 254 12.42 -7.64 -13.63
CA GLY A 254 13.56 -7.80 -14.51
C GLY A 254 14.67 -6.81 -14.21
N VAL A 255 14.31 -5.62 -13.74
CA VAL A 255 15.30 -4.58 -13.49
C VAL A 255 15.17 -3.91 -12.10
N GLY A 256 16.14 -3.08 -11.74
CA GLY A 256 16.11 -2.35 -10.48
C GLY A 256 16.93 -3.00 -9.39
N TYR A 257 17.03 -2.34 -8.23
CA TYR A 257 17.79 -2.86 -7.11
C TYR A 257 17.06 -2.62 -5.80
N VAL A 258 17.45 -3.35 -4.76
CA VAL A 258 16.91 -3.17 -3.42
C VAL A 258 17.98 -2.51 -2.53
N TYR A 259 17.64 -1.38 -1.91
CA TYR A 259 18.58 -0.68 -1.05
C TYR A 259 18.13 -0.66 0.40
N ASP A 260 19.07 -0.82 1.33
CA ASP A 260 18.79 -0.80 2.77
C ASP A 260 19.22 0.53 3.40
N SER A 261 18.54 0.92 4.48
CA SER A 261 18.93 2.10 5.24
C SER A 261 18.07 2.19 6.48
N GLY A 262 18.73 2.32 7.63
CA GLY A 262 18.05 2.22 8.90
C GLY A 262 17.32 0.90 8.93
N SER A 263 16.05 0.97 9.25
CA SER A 263 15.26 -0.25 9.39
C SER A 263 14.40 -0.56 8.17
N VAL A 264 14.56 0.21 7.08
CA VAL A 264 13.77 -0.08 5.88
C VAL A 264 14.60 -0.28 4.62
N SER A 265 13.93 -0.83 3.61
CA SER A 265 14.53 -1.09 2.32
C SER A 265 13.62 -0.54 1.23
N ASP A 266 14.23 -0.24 0.09
CA ASP A 266 13.52 0.26 -1.09
C ASP A 266 13.80 -0.64 -2.27
N TYR A 267 12.78 -0.86 -3.09
CA TYR A 267 13.04 -1.21 -4.46
C TYR A 267 13.07 0.12 -5.21
N ARG A 268 14.10 0.33 -6.03
CA ARG A 268 14.22 1.56 -6.81
C ARG A 268 14.51 1.27 -8.28
N LEU A 269 13.96 2.13 -9.14
CA LEU A 269 14.15 2.06 -10.59
C LEU A 269 14.23 3.46 -11.19
N SER A 270 15.40 3.82 -11.70
CA SER A 270 15.64 5.19 -12.13
C SER A 270 16.13 5.34 -13.55
N GLU A 271 16.52 4.23 -14.17
CA GLU A 271 17.05 4.25 -15.52
C GLU A 271 15.93 4.57 -16.49
N ILE A 272 16.13 5.65 -17.25
CA ILE A 272 15.12 6.23 -18.15
C ILE A 272 14.38 5.29 -19.11
N LYS A 273 15.09 4.29 -19.65
CA LYS A 273 14.49 3.36 -20.58
C LYS A 273 13.59 2.38 -19.85
N PRO A 274 14.20 1.45 -19.13
CA PRO A 274 13.46 0.48 -18.31
C PRO A 274 12.25 1.11 -17.64
N LEU A 275 12.45 2.29 -17.05
CA LEU A 275 11.37 3.03 -16.35
C LEU A 275 10.19 3.32 -17.27
N HIS A 276 10.46 3.91 -18.42
CA HIS A 276 9.45 4.19 -19.42
C HIS A 276 8.75 2.90 -19.84
N ASN A 277 9.52 1.85 -20.03
CA ASN A 277 8.93 0.57 -20.38
C ASN A 277 7.94 0.11 -19.31
N PHE A 278 8.40 0.15 -18.07
CA PHE A 278 7.66 -0.36 -16.92
C PHE A 278 6.39 0.42 -16.66
N LEU A 279 6.51 1.74 -16.57
CA LEU A 279 5.35 2.59 -16.36
C LEU A 279 4.32 2.49 -17.50
N THR A 280 4.77 2.24 -18.72
CA THR A 280 3.85 2.09 -19.83
C THR A 280 2.97 0.86 -19.60
N GLN A 281 3.59 -0.20 -19.11
CA GLN A 281 2.88 -1.42 -18.77
C GLN A 281 1.98 -1.29 -17.55
N LEU A 282 2.46 -0.59 -16.52
CA LEU A 282 1.81 -0.60 -15.22
C LEU A 282 0.70 0.46 -15.12
N GLN A 283 0.76 1.46 -15.99
CA GLN A 283 -0.09 2.64 -15.83
C GLN A 283 -1.59 2.39 -16.00
N PRO A 284 -1.99 1.44 -16.86
CA PRO A 284 -3.44 1.23 -17.03
C PRO A 284 -4.12 0.72 -15.77
N PHE A 285 -3.35 0.18 -14.82
CA PHE A 285 -3.90 -0.53 -13.68
C PHE A 285 -3.84 0.26 -12.39
N LEU A 286 -3.25 1.44 -12.44
CA LEU A 286 -3.13 2.29 -11.26
C LEU A 286 -4.44 3.00 -11.01
N LYS A 287 -4.75 3.27 -9.74
CA LYS A 287 -5.92 4.05 -9.39
C LYS A 287 -5.58 5.34 -8.68
N LEU A 288 -4.54 5.35 -7.85
CA LEU A 288 -4.13 6.61 -7.22
C LEU A 288 -3.04 7.37 -7.96
N LYS A 289 -2.10 6.64 -8.57
CA LYS A 289 -0.91 7.27 -9.13
C LYS A 289 -0.84 7.26 -10.66
N GLN A 290 -1.99 7.21 -11.32
CA GLN A 290 -1.99 7.19 -12.78
C GLN A 290 -1.53 8.52 -13.42
N LYS A 291 -1.94 9.64 -12.84
CA LYS A 291 -1.50 10.94 -13.33
C LYS A 291 0.03 11.06 -13.26
N GLN A 292 0.59 10.78 -12.08
CA GLN A 292 2.04 10.77 -11.91
C GLN A 292 2.76 9.86 -12.94
N ALA A 293 2.25 8.65 -13.15
CA ALA A 293 2.87 7.72 -14.09
C ALA A 293 2.95 8.29 -15.51
N ASN A 294 1.85 8.86 -15.99
CA ASN A 294 1.82 9.51 -17.31
C ASN A 294 2.73 10.73 -17.40
N LEU A 295 2.60 11.62 -16.42
CA LEU A 295 3.50 12.74 -16.33
C LEU A 295 4.96 12.30 -16.47
N VAL A 296 5.32 11.17 -15.86
CA VAL A 296 6.70 10.69 -15.98
C VAL A 296 7.02 10.22 -17.40
N LEU A 297 6.05 9.63 -18.08
CA LEU A 297 6.22 9.15 -19.44
C LEU A 297 6.33 10.33 -20.42
N LYS A 298 5.54 11.36 -20.16
CA LYS A 298 5.53 12.56 -20.98
C LYS A 298 6.85 13.30 -20.85
N ILE A 299 7.42 13.26 -19.67
CA ILE A 299 8.70 13.89 -19.41
C ILE A 299 9.80 13.13 -20.15
N ILE A 300 9.83 11.83 -19.94
CA ILE A 300 10.84 10.98 -20.56
C ILE A 300 10.84 11.10 -22.08
N GLU A 301 9.66 11.27 -22.68
CA GLU A 301 9.57 11.42 -24.12
C GLU A 301 10.08 12.77 -24.60
N GLN A 302 10.08 13.75 -23.72
CA GLN A 302 10.50 15.09 -24.08
C GLN A 302 11.86 15.46 -23.50
N LEU A 303 12.59 14.48 -22.98
CA LEU A 303 13.97 14.71 -22.58
C LEU A 303 14.81 15.16 -23.77
N PRO A 304 14.72 14.43 -24.90
CA PRO A 304 15.47 14.82 -26.10
C PRO A 304 15.41 16.32 -26.36
N SER A 305 14.20 16.85 -26.56
CA SER A 305 14.01 18.26 -26.86
C SER A 305 14.20 19.17 -25.64
N ALA A 306 14.31 18.58 -24.46
CA ALA A 306 14.50 19.37 -23.25
C ALA A 306 15.97 19.70 -23.06
N LYS A 307 16.84 18.76 -23.42
CA LYS A 307 18.28 18.97 -23.31
C LYS A 307 18.81 19.83 -24.45
N GLU A 308 17.89 20.44 -25.20
CA GLU A 308 18.27 21.27 -26.33
C GLU A 308 18.04 22.76 -26.09
N SER A 309 16.91 23.12 -25.49
CA SER A 309 16.55 24.53 -25.29
C SER A 309 16.15 24.87 -23.86
N PRO A 310 16.51 26.07 -23.38
CA PRO A 310 16.21 26.51 -22.01
C PRO A 310 14.70 26.65 -21.81
N ASP A 311 13.97 26.67 -22.92
CA ASP A 311 12.52 26.81 -22.85
C ASP A 311 11.88 25.47 -22.51
N LYS A 312 12.16 24.48 -23.35
CA LYS A 312 11.66 23.13 -23.13
C LYS A 312 12.08 22.60 -21.77
N PHE A 313 13.30 22.93 -21.35
CA PHE A 313 13.77 22.48 -20.05
C PHE A 313 12.95 23.05 -18.91
N LEU A 314 12.66 24.35 -18.95
CA LEU A 314 11.85 24.99 -17.92
C LEU A 314 10.40 24.52 -17.94
N GLU A 315 9.91 24.17 -19.11
CA GLU A 315 8.54 23.66 -19.24
C GLU A 315 8.42 22.26 -18.68
N VAL A 316 9.41 21.43 -18.95
CA VAL A 316 9.45 20.08 -18.40
C VAL A 316 9.58 20.12 -16.87
N CYS A 317 10.17 21.20 -16.37
CA CYS A 317 10.31 21.39 -14.93
C CYS A 317 8.97 21.63 -14.26
N THR A 318 8.06 22.26 -14.98
CA THR A 318 6.72 22.49 -14.46
C THR A 318 5.94 21.17 -14.40
N TRP A 319 6.31 20.22 -15.26
CA TRP A 319 5.73 18.89 -15.20
C TRP A 319 6.18 18.19 -13.91
N VAL A 320 7.44 18.35 -13.56
CA VAL A 320 7.96 17.84 -12.29
C VAL A 320 7.19 18.45 -11.12
N ASP A 321 6.87 19.74 -11.22
CA ASP A 321 6.11 20.41 -10.16
C ASP A 321 4.74 19.76 -9.95
N GLN A 322 4.12 19.36 -11.06
CA GLN A 322 2.80 18.78 -11.04
C GLN A 322 2.83 17.42 -10.37
N ILE A 323 3.85 16.62 -10.71
CA ILE A 323 4.03 15.33 -10.07
C ILE A 323 4.11 15.46 -8.54
N ALA A 324 4.92 16.40 -8.05
CA ALA A 324 5.03 16.63 -6.59
C ALA A 324 3.75 17.16 -5.95
N ALA A 325 3.02 18.00 -6.69
CA ALA A 325 1.69 18.45 -6.28
C ALA A 325 0.75 17.26 -6.04
N LEU A 326 0.72 16.34 -7.00
CA LEU A 326 -0.02 15.09 -6.89
C LEU A 326 0.44 14.19 -5.73
N ASN A 327 1.74 14.11 -5.48
CA ASN A 327 2.26 13.33 -4.34
C ASN A 327 1.92 13.99 -3.01
N ASP A 328 2.20 13.29 -1.91
CA ASP A 328 2.12 13.91 -0.58
C ASP A 328 3.46 14.59 -0.25
N SER A 329 3.80 15.62 -1.03
CA SER A 329 5.10 16.25 -0.96
C SER A 329 5.29 17.14 0.24
N LYS A 330 6.45 17.04 0.90
CA LYS A 330 6.64 17.67 2.23
C LYS A 330 8.04 18.26 2.49
N THR A 331 9.06 17.79 1.80
CA THR A 331 10.44 18.24 2.05
C THR A 331 11.16 18.67 0.78
N ARG A 332 10.37 19.09 -0.21
CA ARG A 332 10.87 19.46 -1.52
C ARG A 332 11.56 20.84 -1.49
N LYS A 333 12.74 20.92 -2.09
CA LYS A 333 13.51 22.17 -2.06
C LYS A 333 13.59 22.81 -3.45
N THR A 334 14.23 22.10 -4.38
CA THR A 334 14.43 22.62 -5.73
C THR A 334 13.19 22.43 -6.62
N THR A 335 12.58 23.55 -7.01
CA THR A 335 11.38 23.52 -7.83
C THR A 335 11.66 24.22 -9.16
N SER A 336 10.65 24.35 -10.01
CA SER A 336 10.88 24.96 -11.33
C SER A 336 11.16 26.46 -11.24
N GLU A 337 10.46 27.13 -10.33
CA GLU A 337 10.68 28.55 -10.08
C GLU A 337 12.14 28.74 -9.73
N THR A 338 12.68 27.80 -8.96
CA THR A 338 14.11 27.80 -8.66
C THR A 338 14.89 27.80 -9.97
N VAL A 339 14.57 26.84 -10.83
CA VAL A 339 15.23 26.73 -12.13
C VAL A 339 15.03 27.99 -12.95
N ARG A 340 14.08 28.83 -12.57
CA ARG A 340 13.87 30.08 -13.30
C ARG A 340 14.92 31.14 -12.88
N ALA A 341 15.89 30.72 -12.09
CA ALA A 341 17.09 31.52 -11.85
C ALA A 341 18.03 31.37 -13.05
N VAL A 342 17.59 30.58 -14.02
CA VAL A 342 18.31 30.39 -15.26
C VAL A 342 18.34 31.71 -16.03
N LEU A 343 17.51 32.65 -15.57
CA LEU A 343 17.50 33.99 -16.13
C LEU A 343 18.84 34.71 -15.86
N ASP A 344 19.58 34.23 -14.87
CA ASP A 344 20.89 34.79 -14.55
C ASP A 344 21.91 34.44 -15.63
#